data_8QUH
#
_entry.id   8QUH
#
_cell.length_a   90.550
_cell.length_b   90.550
_cell.length_c   56.820
_cell.angle_alpha   90.00
_cell.angle_beta   90.00
_cell.angle_gamma   120.00
#
_symmetry.space_group_name_H-M   'P 6'
#
loop_
_entity.id
_entity.type
_entity.pdbx_description
1 polymer 'Spacer peptide 1'
2 non-polymer 4-methylquinolin-2-ol
3 water water
#
_entity_poly.entity_id   1
_entity_poly.type   'polypeptide(L)'
_entity_poly.pdbx_seq_one_letter_code
;PIVQNLQGQMVHQCISPRTLNAWVKVVEEKAFSPEVIPMFSALSCGATPQDLNTMLNTVGGHQAAMQMLKETINEEAAEW
DRLHPVHAGPIAPGQMREPRGSDIAGTTSTLQEQIGWMTHNPPIPVGEIYKRWIILGLNKIVRMYSPTSILDIRQGPKEP
FRDYVDRFYKTLRAEQASQEVKNAATETLLVQNANPDCKTILKALGPGATLEEMMTACQGVGGPGHKARVL
;
_entity_poly.pdbx_strand_id   A
#
loop_
_chem_comp.id
_chem_comp.type
_chem_comp.name
_chem_comp.formula
AJ2 non-polymer 4-methylquinolin-2-ol 'C10 H9 N O'
#
# COMPACT_ATOMS: atom_id res chain seq x y z
N PRO A 1 -6.90 -17.65 3.87
CA PRO A 1 -7.37 -17.06 2.59
C PRO A 1 -8.40 -17.94 1.95
N ILE A 2 -9.05 -17.46 0.90
CA ILE A 2 -9.99 -18.29 0.10
C ILE A 2 -9.24 -18.60 -1.20
N VAL A 3 -9.11 -19.89 -1.48
CA VAL A 3 -8.41 -20.42 -2.67
C VAL A 3 -9.29 -21.38 -3.37
N GLN A 4 -8.85 -21.61 -4.61
CA GLN A 4 -9.44 -22.61 -5.40
C GLN A 4 -8.56 -23.81 -5.12
N ASN A 5 -9.23 -24.83 -4.86
CA ASN A 5 -8.55 -26.06 -4.54
C ASN A 5 -7.95 -26.64 -5.93
N LEU A 6 -7.59 -27.92 -5.96
CA LEU A 6 -7.17 -28.59 -7.17
C LEU A 6 -8.33 -28.94 -8.14
N GLN A 7 -9.56 -28.82 -7.65
CA GLN A 7 -10.81 -29.21 -8.35
C GLN A 7 -11.73 -27.97 -8.72
N GLY A 8 -11.19 -26.75 -8.67
CA GLY A 8 -11.99 -25.57 -9.00
C GLY A 8 -13.12 -25.00 -8.08
N GLN A 9 -13.18 -25.33 -6.79
CA GLN A 9 -14.22 -24.73 -5.91
C GLN A 9 -13.48 -23.83 -4.81
N MET A 10 -14.09 -22.73 -4.43
CA MET A 10 -13.44 -21.74 -3.53
C MET A 10 -13.66 -22.10 -2.09
N VAL A 11 -12.55 -22.34 -1.37
CA VAL A 11 -12.63 -22.80 -0.03
C VAL A 11 -11.61 -22.04 0.85
N HIS A 12 -11.84 -22.16 2.14
CA HIS A 12 -10.95 -21.48 3.11
C HIS A 12 -9.78 -22.35 3.33
N GLN A 13 -8.61 -21.72 3.43
CA GLN A 13 -7.38 -22.37 3.83
C GLN A 13 -6.78 -21.54 4.92
N CYS A 14 -6.14 -22.19 5.90
CA CYS A 14 -5.43 -21.46 6.96
C CYS A 14 -4.30 -20.63 6.36
N ILE A 15 -4.06 -19.45 6.95
CA ILE A 15 -2.87 -18.70 6.69
C ILE A 15 -1.66 -19.50 7.08
N SER A 16 -0.63 -19.45 6.24
CA SER A 16 0.52 -20.33 6.41
C SER A 16 1.54 -19.72 7.32
N PRO A 17 2.33 -20.55 8.02
CA PRO A 17 3.41 -20.01 8.79
C PRO A 17 4.36 -19.22 7.92
N ARG A 18 4.61 -19.62 6.70
CA ARG A 18 5.52 -18.84 5.89
C ARG A 18 4.98 -17.45 5.62
N THR A 19 3.72 -17.33 5.30
CA THR A 19 3.12 -16.00 5.07
C THR A 19 3.16 -15.13 6.34
N LEU A 20 2.86 -15.73 7.48
CA LEU A 20 2.86 -15.00 8.79
C LEU A 20 4.25 -14.47 9.08
N ASN A 21 5.25 -15.33 8.87
CA ASN A 21 6.60 -14.91 9.22
C ASN A 21 7.10 -13.92 8.21
N ALA A 22 6.76 -14.13 6.93
CA ALA A 22 7.23 -13.15 5.88
C ALA A 22 6.77 -11.73 6.21
N TRP A 23 5.55 -11.57 6.63
CA TRP A 23 5.04 -10.23 6.86
C TRP A 23 5.68 -9.64 8.11
N VAL A 24 5.72 -10.42 9.22
CA VAL A 24 6.38 -9.86 10.42
C VAL A 24 7.76 -9.44 10.11
N LYS A 25 8.49 -10.22 9.39
CA LYS A 25 9.92 -9.93 9.11
C LYS A 25 10.10 -8.77 8.14
N VAL A 26 9.21 -8.59 7.20
CA VAL A 26 9.32 -7.38 6.34
C VAL A 26 9.07 -6.10 7.08
N VAL A 27 8.15 -6.10 8.03
CA VAL A 27 7.90 -4.95 8.88
C VAL A 27 9.08 -4.72 9.77
N GLU A 28 9.68 -5.78 10.30
CA GLU A 28 10.88 -5.60 11.17
C GLU A 28 12.05 -4.98 10.41
N GLU A 29 12.23 -5.40 9.19
CA GLU A 29 13.39 -5.03 8.40
C GLU A 29 13.18 -3.67 7.72
N LYS A 30 12.01 -3.35 7.25
CA LYS A 30 11.78 -2.19 6.35
C LYS A 30 10.89 -1.16 6.94
N ALA A 31 10.20 -1.48 8.07
CA ALA A 31 9.24 -0.52 8.67
C ALA A 31 8.25 -0.05 7.60
N PHE A 32 8.06 1.27 7.42
CA PHE A 32 7.12 1.75 6.44
C PHE A 32 7.77 2.44 5.23
N SER A 33 8.86 1.80 4.76
CA SER A 33 9.39 2.14 3.48
C SER A 33 8.30 1.77 2.43
N PRO A 34 8.18 2.53 1.33
CA PRO A 34 7.03 2.36 0.43
C PRO A 34 6.86 0.94 -0.09
N GLU A 35 7.94 0.24 -0.31
CA GLU A 35 7.88 -1.10 -0.92
C GLU A 35 7.26 -2.12 0.04
N VAL A 36 6.98 -1.75 1.27
CA VAL A 36 6.32 -2.69 2.21
C VAL A 36 4.89 -2.80 1.77
N ILE A 37 4.26 -1.81 1.14
CA ILE A 37 2.84 -1.89 0.79
C ILE A 37 2.53 -2.88 -0.28
N PRO A 38 3.26 -2.87 -1.41
CA PRO A 38 3.00 -3.95 -2.39
C PRO A 38 3.29 -5.35 -1.81
N MET A 39 4.24 -5.45 -0.89
CA MET A 39 4.53 -6.72 -0.23
C MET A 39 3.31 -7.18 0.61
N PHE A 40 2.74 -6.25 1.38
CA PHE A 40 1.52 -6.54 2.14
C PHE A 40 0.45 -7.02 1.22
N SER A 41 0.24 -6.32 0.10
CA SER A 41 -0.85 -6.67 -0.82
C SER A 41 -0.65 -8.09 -1.33
N ALA A 42 0.58 -8.43 -1.68
CA ALA A 42 0.88 -9.77 -2.25
C ALA A 42 0.76 -10.85 -1.23
N LEU A 43 1.25 -10.59 -0.03
CA LEU A 43 1.23 -11.60 1.03
C LEU A 43 -0.22 -11.87 1.51
N SER A 44 -1.10 -10.89 1.30
CA SER A 44 -2.56 -10.99 1.65
C SER A 44 -3.44 -11.38 0.48
N CYS A 45 -2.88 -11.95 -0.58
CA CYS A 45 -3.66 -12.47 -1.66
C CYS A 45 -4.72 -13.46 -1.20
N GLY A 46 -5.97 -13.18 -1.51
CA GLY A 46 -7.02 -14.06 -1.14
C GLY A 46 -7.49 -13.90 0.30
N ALA A 47 -6.94 -12.98 1.05
CA ALA A 47 -7.25 -12.90 2.47
C ALA A 47 -8.67 -12.60 2.84
N THR A 48 -9.17 -13.26 3.88
CA THR A 48 -10.41 -12.79 4.55
C THR A 48 -10.13 -11.62 5.48
N PRO A 49 -11.17 -10.88 5.92
CA PRO A 49 -10.90 -9.83 6.90
C PRO A 49 -10.21 -10.39 8.11
N GLN A 50 -10.56 -11.59 8.55
CA GLN A 50 -9.84 -12.26 9.69
C GLN A 50 -8.36 -12.33 9.41
N ASP A 51 -8.00 -12.78 8.23
CA ASP A 51 -6.58 -12.88 7.87
C ASP A 51 -5.90 -11.50 7.84
N LEU A 52 -6.56 -10.45 7.31
CA LEU A 52 -5.92 -9.17 7.27
C LEU A 52 -5.67 -8.71 8.69
N ASN A 53 -6.66 -8.90 9.60
CA ASN A 53 -6.47 -8.50 11.02
C ASN A 53 -5.35 -9.27 11.62
N THR A 54 -5.23 -10.55 11.32
CA THR A 54 -4.13 -11.35 11.85
C THR A 54 -2.79 -10.75 11.46
N MET A 55 -2.66 -10.38 10.21
CA MET A 55 -1.41 -9.83 9.70
C MET A 55 -1.07 -8.50 10.44
N LEU A 56 -2.07 -7.62 10.57
CA LEU A 56 -1.85 -6.33 11.24
C LEU A 56 -1.58 -6.57 12.75
N ASN A 57 -2.29 -7.49 13.39
CA ASN A 57 -2.14 -7.69 14.83
C ASN A 57 -0.88 -8.41 15.21
N THR A 58 -0.23 -9.13 14.25
CA THR A 58 1.03 -9.84 14.60
C THR A 58 2.20 -8.91 14.62
N VAL A 59 2.05 -7.66 14.15
CA VAL A 59 3.12 -6.64 14.24
C VAL A 59 3.26 -6.22 15.66
N GLY A 60 4.45 -6.31 16.19
CA GLY A 60 4.70 -5.89 17.60
C GLY A 60 5.09 -4.41 17.77
N GLY A 61 5.82 -3.89 16.89
CA GLY A 61 6.14 -2.40 17.20
C GLY A 61 5.18 -1.55 16.44
N HIS A 62 5.62 -0.35 16.19
CA HIS A 62 4.89 0.56 15.33
C HIS A 62 3.50 0.83 15.78
N GLN A 63 3.25 0.85 17.10
CA GLN A 63 1.87 0.98 17.54
C GLN A 63 1.22 2.36 17.28
N ALA A 64 2.03 3.41 17.18
CA ALA A 64 1.47 4.74 16.72
C ALA A 64 0.88 4.56 15.32
N ALA A 65 1.60 3.91 14.42
CA ALA A 65 1.12 3.63 13.07
C ALA A 65 -0.12 2.78 13.13
N MET A 66 -0.09 1.76 13.98
CA MET A 66 -1.31 0.87 14.02
C MET A 66 -2.53 1.57 14.56
N GLN A 67 -2.40 2.53 15.50
CA GLN A 67 -3.51 3.30 15.97
C GLN A 67 -3.97 4.30 14.84
N MET A 68 -3.06 4.88 14.06
CA MET A 68 -3.42 5.75 12.92
C MET A 68 -4.23 4.90 11.93
N LEU A 69 -3.82 3.66 11.69
CA LEU A 69 -4.51 2.77 10.76
C LEU A 69 -5.91 2.46 11.24
N LYS A 70 -6.06 2.23 12.53
CA LYS A 70 -7.40 1.99 13.09
C LYS A 70 -8.32 3.14 12.84
N GLU A 71 -7.77 4.34 12.99
CA GLU A 71 -8.54 5.54 12.72
C GLU A 71 -9.00 5.67 11.25
N THR A 72 -8.12 5.34 10.30
CA THR A 72 -8.45 5.35 8.88
C THR A 72 -9.54 4.33 8.68
N ILE A 73 -9.37 3.13 9.17
CA ILE A 73 -10.35 2.06 8.94
C ILE A 73 -11.69 2.51 9.47
N ASN A 74 -11.73 3.13 10.65
CA ASN A 74 -13.01 3.57 11.18
C ASN A 74 -13.67 4.63 10.26
N GLU A 75 -12.88 5.51 9.65
CA GLU A 75 -13.42 6.51 8.71
C GLU A 75 -14.01 5.87 7.51
N GLU A 76 -13.34 4.83 6.96
CA GLU A 76 -13.82 4.16 5.76
C GLU A 76 -15.04 3.34 6.13
N ALA A 77 -15.04 2.73 7.29
CA ALA A 77 -16.19 1.93 7.71
C ALA A 77 -17.43 2.87 7.81
N ALA A 78 -17.17 4.05 8.28
CA ALA A 78 -18.34 5.00 8.50
C ALA A 78 -18.88 5.41 7.20
N GLU A 79 -18.02 5.63 6.19
CA GLU A 79 -18.44 5.96 4.85
C GLU A 79 -19.14 4.81 4.17
N TRP A 80 -18.64 3.59 4.33
CA TRP A 80 -19.42 2.42 3.91
C TRP A 80 -20.83 2.45 4.47
N ASP A 81 -20.97 2.68 5.74
CA ASP A 81 -22.31 2.62 6.41
C ASP A 81 -23.23 3.71 5.87
N ARG A 82 -22.63 4.80 5.45
CA ARG A 82 -23.41 5.92 4.82
C ARG A 82 -23.95 5.55 3.48
N LEU A 83 -23.15 4.84 2.69
CA LEU A 83 -23.47 4.42 1.35
C LEU A 83 -24.32 3.16 1.29
N HIS A 84 -24.22 2.29 2.31
CA HIS A 84 -24.81 0.94 2.31
C HIS A 84 -25.41 0.61 3.65
N PRO A 85 -26.45 1.34 4.01
CA PRO A 85 -27.09 1.04 5.28
C PRO A 85 -27.75 -0.34 5.23
N VAL A 86 -27.80 -1.01 6.37
CA VAL A 86 -28.33 -2.38 6.50
C VAL A 86 -29.64 -2.40 7.32
N HIS A 87 -30.55 -3.35 7.02
CA HIS A 87 -31.81 -3.51 7.78
C HIS A 87 -31.51 -3.84 9.20
N ALA A 88 -32.21 -3.17 10.10
CA ALA A 88 -32.19 -3.54 11.50
C ALA A 88 -33.18 -4.70 11.67
N GLY A 89 -33.02 -5.39 12.80
CA GLY A 89 -33.90 -6.51 13.13
C GLY A 89 -33.49 -7.83 12.52
N PRO A 90 -34.32 -8.86 12.71
CA PRO A 90 -33.84 -10.22 12.59
C PRO A 90 -33.55 -10.69 11.14
N ILE A 91 -32.52 -11.50 11.07
CA ILE A 91 -32.06 -12.11 9.81
C ILE A 91 -33.13 -13.12 9.35
N ALA A 92 -33.37 -13.13 8.06
CA ALA A 92 -34.12 -14.25 7.49
C ALA A 92 -33.43 -15.58 7.80
N PRO A 93 -34.19 -16.55 8.36
CA PRO A 93 -33.54 -17.86 8.72
C PRO A 93 -32.82 -18.52 7.61
N GLY A 94 -31.54 -18.82 7.87
CA GLY A 94 -30.70 -19.54 6.94
C GLY A 94 -30.08 -18.66 5.87
N GLN A 95 -30.42 -17.36 5.85
CA GLN A 95 -30.03 -16.51 4.75
C GLN A 95 -28.81 -15.63 5.19
N MET A 96 -28.20 -15.08 4.22
CA MET A 96 -27.03 -14.16 4.40
C MET A 96 -27.47 -12.76 4.71
N ARG A 97 -26.88 -12.16 5.78
CA ARG A 97 -27.17 -10.78 6.17
C ARG A 97 -26.21 -9.84 5.39
N GLU A 98 -26.53 -8.58 5.23
CA GLU A 98 -25.63 -7.65 4.51
C GLU A 98 -24.58 -7.10 5.44
N PRO A 99 -23.36 -6.99 4.93
CA PRO A 99 -22.30 -6.50 5.80
C PRO A 99 -22.33 -4.99 6.10
N ARG A 100 -22.04 -4.67 7.35
CA ARG A 100 -21.79 -3.34 7.86
C ARG A 100 -20.29 -3.06 7.73
N GLY A 101 -19.91 -1.81 7.94
CA GLY A 101 -18.48 -1.45 7.83
C GLY A 101 -17.63 -2.27 8.79
N SER A 102 -18.10 -2.45 10.03
CA SER A 102 -17.39 -3.25 11.01
C SER A 102 -17.35 -4.77 10.68
N ASP A 103 -18.31 -5.23 9.89
CA ASP A 103 -18.29 -6.58 9.36
C ASP A 103 -17.18 -6.77 8.29
N ILE A 104 -17.01 -5.78 7.45
CA ILE A 104 -15.96 -5.72 6.47
C ILE A 104 -14.62 -5.76 7.18
N ALA A 105 -14.52 -4.98 8.23
CA ALA A 105 -13.23 -4.89 8.98
C ALA A 105 -12.98 -6.08 9.91
N GLY A 106 -13.89 -7.02 9.95
CA GLY A 106 -13.75 -8.22 10.68
C GLY A 106 -13.96 -8.15 12.16
N THR A 107 -14.44 -7.05 12.68
CA THR A 107 -14.63 -6.95 14.14
C THR A 107 -16.00 -7.43 14.62
N THR A 108 -17.03 -7.41 13.75
CA THR A 108 -18.37 -7.84 14.12
C THR A 108 -18.88 -8.94 13.28
N SER A 109 -18.03 -9.49 12.43
CA SER A 109 -18.41 -10.62 11.61
C SER A 109 -17.60 -11.86 11.98
N THR A 110 -18.19 -13.06 11.84
CA THR A 110 -17.44 -14.30 12.01
C THR A 110 -16.74 -14.77 10.75
N LEU A 111 -15.79 -15.66 10.88
CA LEU A 111 -15.13 -16.23 9.74
C LEU A 111 -16.13 -16.87 8.81
N GLN A 112 -17.09 -17.63 9.38
CA GLN A 112 -18.09 -18.17 8.55
C GLN A 112 -18.87 -17.17 7.72
N GLU A 113 -19.26 -16.06 8.35
CA GLU A 113 -19.92 -14.98 7.59
C GLU A 113 -19.06 -14.49 6.47
N GLN A 114 -17.78 -14.24 6.78
CA GLN A 114 -16.89 -13.76 5.82
C GLN A 114 -16.75 -14.71 4.61
N ILE A 115 -16.57 -15.99 4.89
CA ILE A 115 -16.50 -16.98 3.83
C ILE A 115 -17.79 -16.97 3.00
N GLY A 116 -18.90 -16.87 3.69
CA GLY A 116 -20.19 -16.79 2.98
C GLY A 116 -20.27 -15.67 1.98
N TRP A 117 -19.88 -14.43 2.37
CA TRP A 117 -19.87 -13.36 1.49
C TRP A 117 -18.89 -13.52 0.35
N MET A 118 -17.67 -13.93 0.66
CA MET A 118 -16.63 -13.97 -0.34
C MET A 118 -16.85 -15.10 -1.40
N THR A 119 -17.66 -16.05 -1.10
CA THR A 119 -17.93 -17.25 -1.96
C THR A 119 -19.34 -17.26 -2.46
N HIS A 120 -20.09 -16.23 -2.11
CA HIS A 120 -21.44 -16.00 -2.74
C HIS A 120 -21.31 -15.84 -4.24
N ASN A 121 -22.39 -16.19 -4.96
CA ASN A 121 -22.43 -15.90 -6.43
C ASN A 121 -23.47 -14.82 -6.71
N PRO A 122 -23.06 -13.59 -7.03
CA PRO A 122 -21.66 -13.15 -7.16
C PRO A 122 -21.03 -12.77 -5.78
N PRO A 123 -19.72 -12.78 -5.68
CA PRO A 123 -19.10 -12.53 -4.34
C PRO A 123 -19.36 -11.12 -3.87
N ILE A 124 -19.43 -10.96 -2.55
CA ILE A 124 -19.45 -9.68 -1.92
C ILE A 124 -18.04 -9.62 -1.33
N PRO A 125 -17.13 -8.91 -2.02
CA PRO A 125 -15.71 -9.10 -1.79
C PRO A 125 -15.16 -8.41 -0.54
N VAL A 126 -15.58 -8.86 0.62
CA VAL A 126 -15.28 -8.16 1.89
C VAL A 126 -13.79 -8.06 2.13
N GLY A 127 -13.04 -9.10 1.72
CA GLY A 127 -11.59 -9.11 1.90
C GLY A 127 -10.98 -8.01 1.04
N GLU A 128 -11.43 -7.88 -0.17
CA GLU A 128 -10.82 -6.89 -1.10
C GLU A 128 -11.24 -5.49 -0.68
N ILE A 129 -12.47 -5.34 -0.22
CA ILE A 129 -12.92 -4.00 0.27
C ILE A 129 -12.09 -3.56 1.47
N TYR A 130 -11.93 -4.48 2.43
CA TYR A 130 -11.09 -4.14 3.59
C TYR A 130 -9.69 -3.88 3.26
N LYS A 131 -9.13 -4.69 2.34
CA LYS A 131 -7.71 -4.49 1.94
C LYS A 131 -7.47 -3.11 1.33
N ARG A 132 -8.48 -2.64 0.58
CA ARG A 132 -8.38 -1.24 0.02
C ARG A 132 -8.33 -0.22 1.12
N TRP A 133 -9.10 -0.38 2.22
CA TRP A 133 -9.14 0.58 3.34
C TRP A 133 -7.79 0.55 3.98
N ILE A 134 -7.31 -0.71 4.18
CA ILE A 134 -6.00 -0.84 4.88
C ILE A 134 -4.90 -0.19 4.11
N ILE A 135 -4.86 -0.40 2.83
CA ILE A 135 -3.81 0.18 1.97
C ILE A 135 -3.88 1.67 1.90
N LEU A 136 -5.10 2.21 1.90
CA LEU A 136 -5.29 3.70 2.08
C LEU A 136 -4.65 4.20 3.34
N GLY A 137 -4.85 3.45 4.43
CA GLY A 137 -4.23 3.81 5.70
C GLY A 137 -2.74 3.69 5.71
N LEU A 138 -2.24 2.58 5.15
CA LEU A 138 -0.81 2.37 5.12
C LEU A 138 -0.09 3.43 4.24
N ASN A 139 -0.73 3.87 3.20
CA ASN A 139 -0.11 4.95 2.36
C ASN A 139 0.02 6.22 3.15
N LYS A 140 -0.96 6.50 3.99
CA LYS A 140 -0.88 7.69 4.84
C LYS A 140 0.32 7.59 5.75
N ILE A 141 0.57 6.39 6.29
CA ILE A 141 1.64 6.09 7.18
C ILE A 141 2.98 6.26 6.45
N VAL A 142 3.08 5.68 5.28
CA VAL A 142 4.33 5.82 4.49
C VAL A 142 4.65 7.29 4.35
N ARG A 143 3.67 8.10 3.97
CA ARG A 143 3.87 9.57 3.72
C ARG A 143 4.32 10.21 5.04
N MET A 144 3.72 9.82 6.15
CA MET A 144 4.06 10.41 7.45
C MET A 144 5.48 10.12 7.85
N TYR A 145 5.94 8.91 7.58
CA TYR A 145 7.20 8.40 7.99
C TYR A 145 8.38 8.73 6.99
N SER A 146 8.00 9.29 5.88
CA SER A 146 9.03 9.75 4.87
C SER A 146 9.85 10.82 5.61
N PRO A 147 11.14 10.63 5.67
CA PRO A 147 11.91 11.57 6.51
C PRO A 147 12.34 12.88 5.83
N THR A 148 12.29 12.93 4.52
CA THR A 148 12.97 14.07 3.72
C THR A 148 12.12 14.59 2.63
N SER A 149 12.04 15.91 2.52
CA SER A 149 11.39 16.56 1.40
C SER A 149 12.24 16.35 0.12
N ILE A 150 11.61 16.28 -1.03
CA ILE A 150 12.25 16.31 -2.28
C ILE A 150 13.12 17.57 -2.49
N LEU A 151 12.75 18.67 -1.86
CA LEU A 151 13.53 19.85 -2.01
C LEU A 151 14.90 19.73 -1.47
N ASP A 152 15.06 18.78 -0.55
CA ASP A 152 16.35 18.63 0.09
C ASP A 152 17.22 17.53 -0.47
N ILE A 153 16.75 16.90 -1.56
CA ILE A 153 17.57 15.95 -2.27
C ILE A 153 18.30 16.61 -3.36
N ARG A 154 19.56 16.92 -3.12
CA ARG A 154 20.45 17.54 -4.08
C ARG A 154 21.73 16.77 -4.25
N GLN A 155 22.25 16.74 -5.48
CA GLN A 155 23.42 15.97 -5.78
C GLN A 155 24.68 16.54 -5.08
N GLY A 156 25.40 15.73 -4.44
CA GLY A 156 26.68 16.16 -3.89
C GLY A 156 27.66 16.44 -5.01
N PRO A 157 28.62 17.32 -4.69
CA PRO A 157 29.73 17.54 -5.65
C PRO A 157 30.49 16.34 -6.14
N LYS A 158 30.68 15.27 -5.38
CA LYS A 158 31.39 14.08 -5.88
C LYS A 158 30.45 12.84 -5.92
N GLU A 159 29.13 13.09 -5.89
CA GLU A 159 28.15 12.04 -5.92
C GLU A 159 27.85 11.66 -7.33
N PRO A 160 27.98 10.41 -7.63
CA PRO A 160 27.64 9.84 -8.97
C PRO A 160 26.20 10.23 -9.25
N PHE A 161 25.92 10.62 -10.45
CA PHE A 161 24.55 11.06 -10.79
C PHE A 161 23.58 9.90 -10.56
N ARG A 162 23.93 8.67 -10.86
CA ARG A 162 23.02 7.56 -10.61
C ARG A 162 22.62 7.43 -9.13
N ASP A 163 23.55 7.67 -8.23
CA ASP A 163 23.27 7.62 -6.83
C ASP A 163 22.28 8.70 -6.39
N TYR A 164 22.51 9.89 -6.94
CA TYR A 164 21.60 11.01 -6.72
C TYR A 164 20.17 10.70 -7.23
N VAL A 165 20.10 10.19 -8.44
CA VAL A 165 18.80 9.89 -8.98
C VAL A 165 18.05 8.85 -8.14
N ASP A 166 18.79 7.84 -7.67
CA ASP A 166 18.18 6.83 -6.80
C ASP A 166 17.63 7.49 -5.55
N ARG A 167 18.36 8.42 -4.92
CA ARG A 167 17.87 9.09 -3.71
C ARG A 167 16.62 9.90 -4.05
N PHE A 168 16.66 10.62 -5.19
CA PHE A 168 15.58 11.45 -5.64
C PHE A 168 14.31 10.71 -5.82
N TYR A 169 14.34 9.62 -6.58
CA TYR A 169 13.10 8.90 -6.87
C TYR A 169 12.72 8.04 -5.65
N LYS A 170 13.66 7.66 -4.81
CA LYS A 170 13.21 6.93 -3.52
C LYS A 170 12.40 7.92 -2.67
N THR A 171 12.86 9.17 -2.64
CA THR A 171 12.17 10.21 -1.86
C THR A 171 10.82 10.53 -2.49
N LEU A 172 10.72 10.72 -3.78
CA LEU A 172 9.44 10.99 -4.43
C LEU A 172 8.47 9.89 -4.15
N ARG A 173 8.97 8.64 -4.15
CA ARG A 173 8.08 7.55 -3.86
C ARG A 173 7.46 7.56 -2.48
N ALA A 174 8.28 7.85 -1.48
CA ALA A 174 7.82 7.89 -0.08
C ALA A 174 6.89 9.09 0.12
N GLU A 175 7.21 10.22 -0.54
CA GLU A 175 6.42 11.44 -0.45
C GLU A 175 5.13 11.35 -1.23
N GLN A 176 4.97 10.40 -2.06
CA GLN A 176 3.71 9.92 -2.72
C GLN A 176 3.37 10.80 -3.82
N ALA A 177 4.41 11.22 -4.55
CA ALA A 177 4.16 12.05 -5.76
C ALA A 177 3.35 11.18 -6.73
N SER A 178 2.39 11.79 -7.48
CA SER A 178 1.74 11.07 -8.63
C SER A 178 2.73 10.64 -9.70
N GLN A 179 2.35 9.70 -10.54
CA GLN A 179 3.23 9.32 -11.66
C GLN A 179 3.47 10.49 -12.67
N GLU A 180 2.50 11.41 -12.80
CA GLU A 180 2.64 12.58 -13.70
C GLU A 180 3.87 13.40 -13.29
N VAL A 181 3.96 13.60 -11.98
CA VAL A 181 5.02 14.38 -11.34
C VAL A 181 6.35 13.65 -11.44
N LYS A 182 6.31 12.33 -11.22
CA LYS A 182 7.55 11.53 -11.41
C LYS A 182 8.09 11.63 -12.82
N ASN A 183 7.18 11.55 -13.80
CA ASN A 183 7.57 11.64 -15.22
C ASN A 183 8.01 13.08 -15.59
N ALA A 184 7.29 14.07 -15.04
CA ALA A 184 7.60 15.53 -15.20
C ALA A 184 8.91 15.98 -14.59
N ALA A 185 9.29 15.40 -13.44
CA ALA A 185 10.36 15.93 -12.59
C ALA A 185 11.71 15.90 -13.27
N THR A 186 11.75 15.08 -14.28
CA THR A 186 12.91 14.80 -15.07
C THR A 186 13.24 16.04 -15.84
N GLU A 187 12.22 16.75 -16.34
CA GLU A 187 12.49 18.01 -17.02
C GLU A 187 12.82 19.15 -16.02
N THR A 188 12.64 18.98 -14.69
CA THR A 188 12.84 20.08 -13.87
C THR A 188 13.57 19.99 -12.59
N LEU A 189 12.89 19.51 -11.56
CA LEU A 189 13.50 19.54 -10.25
C LEU A 189 14.77 18.64 -10.28
N LEU A 190 14.71 17.56 -11.03
CA LEU A 190 15.89 16.64 -11.05
C LEU A 190 17.08 17.38 -11.58
N VAL A 191 16.93 18.26 -12.62
CA VAL A 191 18.04 19.04 -13.14
C VAL A 191 18.43 20.13 -12.18
N GLN A 192 17.43 20.83 -11.66
CA GLN A 192 17.77 21.89 -10.75
C GLN A 192 18.57 21.52 -9.52
N ASN A 193 18.27 20.29 -9.03
CA ASN A 193 18.89 19.78 -7.86
C ASN A 193 20.21 18.98 -8.12
N ALA A 194 20.64 18.88 -9.39
CA ALA A 194 21.90 18.32 -9.81
C ALA A 194 23.07 19.20 -9.43
N ASN A 195 24.25 18.63 -9.37
CA ASN A 195 25.45 19.45 -9.00
C ASN A 195 25.79 20.37 -10.25
N PRO A 196 26.68 21.36 -10.07
CA PRO A 196 26.92 22.28 -11.24
C PRO A 196 27.42 21.68 -12.54
N ASP A 197 28.36 20.72 -12.45
CA ASP A 197 28.86 20.01 -13.61
C ASP A 197 27.80 19.17 -14.37
N CYS A 198 26.97 18.41 -13.65
N CYS A 198 27.02 18.37 -13.64
CA CYS A 198 25.97 17.67 -14.34
CA CYS A 198 25.92 17.64 -14.27
C CYS A 198 24.86 18.63 -14.82
C CYS A 198 24.85 18.60 -14.79
N LYS A 199 24.54 19.64 -14.03
CA LYS A 199 23.51 20.58 -14.39
C LYS A 199 23.85 21.23 -15.78
N THR A 200 25.10 21.67 -15.90
CA THR A 200 25.57 22.15 -17.21
C THR A 200 25.34 21.19 -18.34
N ILE A 201 25.72 19.93 -18.16
CA ILE A 201 25.56 18.92 -19.17
C ILE A 201 24.10 18.68 -19.46
N LEU A 202 23.23 18.66 -18.45
CA LEU A 202 21.80 18.36 -18.64
C LEU A 202 21.09 19.53 -19.35
N LYS A 203 21.42 20.74 -18.93
CA LYS A 203 20.84 21.94 -19.52
C LYS A 203 21.11 21.95 -21.03
N ALA A 204 22.39 21.52 -21.49
CA ALA A 204 22.77 21.41 -22.88
C ALA A 204 22.00 20.38 -23.70
N LEU A 205 21.61 19.26 -23.12
CA LEU A 205 20.90 18.21 -23.87
C LEU A 205 19.61 18.72 -24.44
N GLY A 206 19.00 19.67 -23.74
CA GLY A 206 17.79 20.27 -24.23
C GLY A 206 16.58 19.50 -23.72
N PRO A 207 15.37 19.99 -24.03
CA PRO A 207 14.17 19.39 -23.45
C PRO A 207 13.84 18.06 -24.14
N GLY A 208 13.05 17.27 -23.43
CA GLY A 208 12.58 15.99 -23.89
C GLY A 208 13.58 14.86 -23.80
N ALA A 209 14.69 15.06 -23.08
CA ALA A 209 15.62 13.92 -22.83
C ALA A 209 14.96 12.87 -21.92
N THR A 210 15.11 11.62 -22.25
CA THR A 210 14.71 10.52 -21.43
C THR A 210 15.58 10.51 -20.18
N LEU A 211 15.11 9.79 -19.13
CA LEU A 211 15.99 9.66 -17.93
C LEU A 211 17.23 8.91 -18.34
N GLU A 212 17.14 7.89 -19.23
CA GLU A 212 18.27 7.07 -19.70
C GLU A 212 19.33 8.02 -20.34
N GLU A 213 18.79 8.96 -21.09
CA GLU A 213 19.65 9.92 -21.82
C GLU A 213 20.36 10.85 -20.85
N MET A 214 19.65 11.26 -19.80
CA MET A 214 20.25 12.12 -18.82
C MET A 214 21.30 11.37 -18.04
N MET A 215 20.98 10.12 -17.66
CA MET A 215 21.91 9.30 -16.90
C MET A 215 23.18 8.96 -17.68
N THR A 216 23.01 8.71 -18.98
CA THR A 216 24.21 8.47 -19.82
C THR A 216 25.08 9.71 -19.93
N ALA A 217 24.45 10.83 -20.07
CA ALA A 217 25.10 12.10 -20.26
C ALA A 217 25.97 12.45 -19.10
N CYS A 218 25.51 12.11 -17.87
CA CYS A 218 26.23 12.48 -16.62
C CYS A 218 27.02 11.32 -16.03
N GLN A 219 27.17 10.26 -16.76
CA GLN A 219 28.04 9.16 -16.39
C GLN A 219 29.44 9.67 -16.66
O AJ2 B . -8.30 -6.84 15.12
C4 AJ2 B . -8.00 -5.60 14.50
N AJ2 B . -6.76 -5.05 14.41
C5 AJ2 B . -6.54 -3.94 13.64
C6 AJ2 B . -7.52 -3.22 13.14
C2 AJ2 B . -8.87 -3.76 13.18
C1 AJ2 B . -10.15 -3.14 12.51
C3 AJ2 B . -9.07 -4.94 13.87
C7 AJ2 B . -7.15 -2.07 12.46
C8 AJ2 B . -5.86 -1.63 12.46
C9 AJ2 B . -4.82 -2.27 13.11
C10 AJ2 B . -5.21 -3.45 13.66
#